data_3Q81
#
_entry.id   3Q81
#
_cell.length_a   46.651
_cell.length_b   107.581
_cell.length_c   56.276
_cell.angle_alpha   90.00
_cell.angle_beta   108.29
_cell.angle_gamma   90.00
#
_symmetry.space_group_name_H-M   'P 1 21 1'
#
loop_
_entity.id
_entity.type
_entity.pdbx_description
1 polymer 'Beta-lactamase regulatory protein BlaR1'
2 non-polymer '(5R)-5-[(1S,2R)-1-formyl-2-hydroxypropyl]-3-[(2-{[(E)-iminomethyl]amino}ethyl)sulfanyl]-4,5-dihydro-1H-pyrrole-2-carbox ylic acid'
3 non-polymer GLYCEROL
4 water water
#
_entity_poly.entity_id   1
_entity_poly.type   'polypeptide(L)'
_entity_poly.pdbx_seq_one_letter_code
;QSITDYNYKKPLHNDYQILDKSKIFGSNSGSFVMYSMAADAYYIYNEKESRKRYSPNSTYKIYLAMFGLDRHIINDENSR
MSWNHKHYPFDAWNKEQDLNTAMQNSVNWYFERISDQIPKNYTATQLKQLNYGNKNLGSYKSYWMEDSLKISNLEQVIVF
KNMMEQNNHFSKKAKNQLSSSLLIKKNEKYELYGKTGTGIVNGKYNNGWFVGYVITNHDKYYFATHLSDGKPSGKNAELI
SEKILKEMGVLN
;
_entity_poly.pdbx_strand_id   A,B
#
# COMPACT_ATOMS: atom_id res chain seq x y z
N GLN A 1 22.78 27.01 -15.32
CA GLN A 1 23.89 27.50 -16.18
C GLN A 1 23.48 28.82 -16.90
N SER A 2 22.19 28.97 -17.20
CA SER A 2 21.70 30.17 -17.87
C SER A 2 20.87 31.09 -16.96
N ILE A 3 20.31 32.11 -17.61
CA ILE A 3 19.58 33.20 -17.00
C ILE A 3 18.18 32.81 -16.49
N THR A 4 17.67 31.70 -17.00
CA THR A 4 16.34 31.21 -16.67
C THR A 4 16.40 29.91 -15.83
N ASP A 5 17.59 29.59 -15.33
CA ASP A 5 17.80 28.32 -14.63
C ASP A 5 17.42 28.29 -13.15
N TYR A 6 17.15 29.46 -12.60
CA TYR A 6 16.84 29.55 -11.18
C TYR A 6 15.37 29.95 -10.97
N ASN A 7 14.57 29.92 -12.04
CA ASN A 7 13.24 30.54 -12.10
C ASN A 7 12.26 29.92 -13.03
N TYR A 8 11.03 29.75 -12.54
CA TYR A 8 9.95 29.23 -13.35
C TYR A 8 8.99 30.37 -13.59
N LYS A 9 8.81 30.74 -14.85
CA LYS A 9 8.07 31.97 -15.12
C LYS A 9 6.78 31.79 -15.93
N LYS A 10 6.54 30.57 -16.39
CA LYS A 10 5.37 30.22 -17.19
C LYS A 10 4.09 30.47 -16.38
N PRO A 11 3.17 31.29 -16.95
CA PRO A 11 1.88 31.64 -16.33
C PRO A 11 1.05 30.41 -15.99
N LEU A 12 0.40 30.49 -14.85
CA LEU A 12 -0.52 29.46 -14.47
C LEU A 12 -1.80 29.81 -15.20
N HIS A 13 -2.28 28.90 -16.03
CA HIS A 13 -3.52 29.14 -16.76
C HIS A 13 -4.74 28.68 -15.96
N ASN A 14 -4.49 28.05 -14.83
CA ASN A 14 -5.56 27.44 -14.05
C ASN A 14 -6.09 28.46 -13.05
N ASP A 15 -7.27 28.17 -12.49
CA ASP A 15 -7.75 28.82 -11.28
C ASP A 15 -6.73 28.60 -10.17
N TYR A 16 -6.44 29.65 -9.41
CA TYR A 16 -5.54 29.51 -8.28
C TYR A 16 -6.07 30.29 -7.08
N GLN A 17 -5.59 29.92 -5.90
CA GLN A 17 -5.99 30.54 -4.64
C GLN A 17 -4.73 30.81 -3.82
N ILE A 18 -4.55 32.06 -3.41
CA ILE A 18 -3.40 32.43 -2.59
C ILE A 18 -3.68 32.10 -1.11
N LEU A 19 -2.78 31.37 -0.47
CA LEU A 19 -2.92 30.97 0.93
C LEU A 19 -2.07 31.80 1.87
N ASP A 20 -2.42 31.81 3.16
CA ASP A 20 -1.53 32.34 4.18
C ASP A 20 -1.25 31.26 5.21
N LYS A 21 -0.12 30.58 5.04
CA LYS A 21 0.32 29.56 5.98
C LYS A 21 1.57 29.97 6.76
N SER A 22 1.74 31.28 6.98
CA SER A 22 2.93 31.82 7.62
C SER A 22 3.12 31.44 9.09
N LYS A 23 2.02 31.20 9.79
CA LYS A 23 2.07 30.74 11.17
C LYS A 23 2.55 29.29 11.29
N ILE A 24 2.15 28.44 10.33
CA ILE A 24 2.62 27.04 10.30
C ILE A 24 4.12 26.98 9.94
N PHE A 25 4.56 27.83 9.02
CA PHE A 25 5.99 27.93 8.65
C PHE A 25 6.84 28.47 9.77
N GLY A 26 6.29 29.39 10.56
CA GLY A 26 6.96 29.95 11.72
C GLY A 26 8.20 30.71 11.30
N SER A 27 9.34 30.26 11.83
CA SER A 27 10.64 30.87 11.52
C SER A 27 11.33 30.23 10.33
N ASN A 28 10.68 29.27 9.67
CA ASN A 28 11.25 28.71 8.46
C ASN A 28 10.76 29.55 7.29
N SER A 29 11.51 29.55 6.21
CA SER A 29 11.10 30.27 5.01
C SER A 29 10.88 29.22 3.95
N GLY A 30 9.85 29.43 3.13
CA GLY A 30 9.64 28.67 1.91
C GLY A 30 8.25 28.84 1.33
N SER A 31 7.73 27.78 0.71
CA SER A 31 6.44 27.85 0.03
C SER A 31 5.71 26.52 0.10
N PHE A 32 4.41 26.57 -0.18
CA PHE A 32 3.59 25.36 -0.24
C PHE A 32 2.73 25.48 -1.47
N VAL A 33 2.62 24.39 -2.23
CA VAL A 33 1.75 24.35 -3.40
C VAL A 33 0.87 23.08 -3.33
N MET A 34 -0.42 23.20 -3.61
CA MET A 34 -1.30 22.02 -3.76
C MET A 34 -2.19 22.14 -5.00
N TYR A 35 -2.42 21.02 -5.69
CA TYR A 35 -3.34 20.96 -6.79
C TYR A 35 -4.44 19.97 -6.45
N SER A 36 -5.69 20.32 -6.72
CA SER A 36 -6.82 19.41 -6.55
C SER A 36 -7.29 18.93 -7.92
N MET A 37 -7.29 17.62 -8.16
CA MET A 37 -7.84 17.04 -9.40
C MET A 37 -9.30 17.45 -9.72
N ALA A 38 -10.15 17.44 -8.71
CA ALA A 38 -11.57 17.66 -8.93
C ALA A 38 -11.88 19.13 -9.20
N ALA A 39 -11.10 20.00 -8.57
CA ALA A 39 -11.26 21.45 -8.74
C ALA A 39 -10.53 21.96 -9.96
N ASP A 40 -9.55 21.18 -10.45
CA ASP A 40 -8.52 21.63 -11.44
C ASP A 40 -7.96 23.00 -11.00
N ALA A 41 -7.49 23.08 -9.76
CA ALA A 41 -7.14 24.39 -9.18
C ALA A 41 -5.93 24.26 -8.28
N TYR A 42 -5.12 25.32 -8.22
CA TYR A 42 -3.92 25.38 -7.39
C TYR A 42 -4.14 26.25 -6.14
N TYR A 43 -3.47 25.90 -5.05
CA TYR A 43 -3.54 26.63 -3.78
C TYR A 43 -2.09 26.85 -3.43
N ILE A 44 -1.66 28.11 -3.41
CA ILE A 44 -0.25 28.44 -3.21
C ILE A 44 -0.03 29.39 -2.06
N TYR A 45 0.82 28.99 -1.10
CA TYR A 45 1.43 29.93 -0.15
C TYR A 45 2.80 30.35 -0.68
N ASN A 46 3.03 31.67 -0.68
CA ASN A 46 4.30 32.31 -1.09
C ASN A 46 4.65 32.03 -2.54
N GLU A 47 3.86 32.65 -3.42
CA GLU A 47 3.87 32.37 -4.86
C GLU A 47 5.20 32.66 -5.56
N LYS A 48 5.79 33.80 -5.24
CA LYS A 48 7.09 34.22 -5.76
C LYS A 48 8.17 33.21 -5.38
N GLU A 49 8.21 32.85 -4.10
CA GLU A 49 9.13 31.85 -3.59
C GLU A 49 8.86 30.45 -4.20
N SER A 50 7.60 30.13 -4.52
CA SER A 50 7.29 28.83 -5.17
C SER A 50 7.79 28.68 -6.60
N ARG A 51 8.20 29.77 -7.21
CA ARG A 51 8.74 29.76 -8.55
C ARG A 51 10.29 29.80 -8.59
N LYS A 52 10.95 29.92 -7.43
CA LYS A 52 12.40 29.79 -7.42
C LYS A 52 12.79 28.33 -7.52
N ARG A 53 13.79 28.06 -8.36
CA ARG A 53 14.22 26.69 -8.59
C ARG A 53 15.36 26.30 -7.66
N TYR A 54 15.22 25.09 -7.11
CA TYR A 54 16.22 24.54 -6.22
C TYR A 54 16.52 23.11 -6.62
N SER A 55 17.70 22.62 -6.23
CA SER A 55 18.04 21.22 -6.36
C SER A 55 16.94 20.33 -5.73
N PRO A 56 16.50 19.31 -6.45
CA PRO A 56 15.45 18.47 -5.92
C PRO A 56 15.96 17.49 -4.85
N ASN A 57 17.28 17.25 -4.79
CA ASN A 57 17.88 16.23 -3.92
C ASN A 57 17.11 14.91 -4.01
N SER A 58 16.68 14.35 -2.88
CA SER A 58 16.10 12.96 -2.87
C SER A 58 14.72 12.89 -3.45
N THR A 59 14.05 14.03 -3.68
CA THR A 59 12.74 13.98 -4.35
C THR A 59 12.89 13.49 -5.79
N TYR A 60 14.06 13.67 -6.41
CA TYR A 60 14.32 13.19 -7.77
C TYR A 60 14.39 11.67 -7.86
N LYS A 61 14.52 11.02 -6.72
CA LYS A 61 14.41 9.56 -6.69
C LYS A 61 13.03 9.02 -7.13
N ILE A 62 11.98 9.83 -7.07
CA ILE A 62 10.68 9.49 -7.70
C ILE A 62 10.87 9.22 -9.20
N TYR A 63 11.66 10.08 -9.84
CA TYR A 63 11.89 10.02 -11.28
C TYR A 63 12.93 9.00 -11.62
N LEU A 64 13.98 8.86 -10.80
CA LEU A 64 14.93 7.75 -11.03
C LEU A 64 14.24 6.39 -10.92
N ALA A 65 13.37 6.22 -9.92
CA ALA A 65 12.48 5.03 -9.82
C ALA A 65 11.64 4.82 -11.07
N MET A 66 10.99 5.87 -11.56
CA MET A 66 10.14 5.72 -12.72
C MET A 66 10.98 5.39 -13.96
N PHE A 67 12.20 5.94 -14.03
CA PHE A 67 13.07 5.67 -15.17
C PHE A 67 13.59 4.23 -15.12
N GLY A 68 13.96 3.78 -13.92
CA GLY A 68 14.49 2.42 -13.74
C GLY A 68 13.42 1.37 -14.02
N LEU A 69 12.18 1.71 -13.70
CA LEU A 69 11.03 0.88 -14.04
C LEU A 69 10.76 0.87 -15.53
N ASP A 70 10.81 2.05 -16.14
CA ASP A 70 10.57 2.23 -17.58
C ASP A 70 11.60 1.52 -18.45
N ARG A 71 12.84 1.49 -17.96
CA ARG A 71 13.92 0.86 -18.73
C ARG A 71 14.20 -0.56 -18.32
N HIS A 72 13.35 -1.09 -17.41
CA HIS A 72 13.44 -2.48 -16.90
C HIS A 72 14.76 -2.76 -16.17
N ILE A 73 15.33 -1.72 -15.55
CA ILE A 73 16.47 -1.89 -14.66
C ILE A 73 15.96 -2.59 -13.39
N ILE A 74 14.75 -2.23 -12.95
CA ILE A 74 14.05 -2.96 -11.89
C ILE A 74 12.64 -3.32 -12.40
N ASN A 75 11.97 -4.28 -11.77
CA ASN A 75 10.58 -4.59 -12.17
C ASN A 75 9.62 -4.94 -11.04
N ASP A 76 8.47 -5.51 -11.40
CA ASP A 76 7.50 -6.00 -10.42
C ASP A 76 7.90 -7.30 -9.65
N GLU A 77 8.54 -8.25 -10.31
CA GLU A 77 8.94 -9.48 -9.61
C GLU A 77 10.23 -9.29 -8.79
N ASN A 78 11.08 -8.37 -9.23
CA ASN A 78 12.42 -8.20 -8.67
C ASN A 78 12.91 -6.75 -8.79
N SER A 79 12.94 -6.04 -7.67
CA SER A 79 13.58 -4.74 -7.64
C SER A 79 14.77 -4.77 -6.69
N ARG A 80 15.26 -5.99 -6.40
CA ARG A 80 16.36 -6.17 -5.43
CA ARG A 80 16.36 -6.17 -5.44
C ARG A 80 17.74 -5.79 -5.97
N MET A 81 18.55 -5.20 -5.11
CA MET A 81 19.95 -4.87 -5.39
C MET A 81 20.78 -5.21 -4.17
N SER A 82 21.85 -5.96 -4.37
CA SER A 82 22.73 -6.28 -3.26
C SER A 82 23.60 -5.09 -2.85
N TRP A 83 23.92 -5.04 -1.56
CA TRP A 83 24.82 -4.04 -0.99
C TRP A 83 26.24 -4.37 -1.46
N ASN A 84 27.03 -3.36 -1.85
CA ASN A 84 28.43 -3.57 -2.27
C ASN A 84 29.48 -3.68 -1.17
N HIS A 85 29.00 -3.76 0.06
CA HIS A 85 29.80 -3.98 1.28
C HIS A 85 30.45 -2.72 1.86
N LYS A 86 30.24 -1.59 1.20
CA LYS A 86 30.75 -0.32 1.66
C LYS A 86 29.96 0.14 2.88
N HIS A 87 30.66 0.48 3.96
CA HIS A 87 29.98 0.91 5.18
C HIS A 87 29.47 2.37 5.17
N TYR A 88 28.18 2.53 5.41
CA TYR A 88 27.54 3.85 5.47
C TYR A 88 27.24 4.19 6.94
N PRO A 89 27.08 5.49 7.29
CA PRO A 89 26.79 5.75 8.70
C PRO A 89 25.35 5.45 9.17
N PHE A 90 24.49 4.95 8.29
CA PHE A 90 23.14 4.48 8.69
C PHE A 90 22.99 3.02 8.30
N ASP A 91 22.68 2.17 9.28
CA ASP A 91 22.61 0.71 9.06
C ASP A 91 21.53 0.24 8.10
N ALA A 92 20.53 1.11 7.84
CA ALA A 92 19.43 0.85 6.89
C ALA A 92 19.95 0.82 5.46
N TRP A 93 21.10 1.47 5.23
CA TRP A 93 21.79 1.46 3.95
C TRP A 93 22.74 0.27 3.80
N ASN A 94 23.22 -0.27 4.93
CA ASN A 94 24.22 -1.34 4.91
C ASN A 94 23.65 -2.77 4.69
N LYS A 95 22.73 -2.92 3.73
CA LYS A 95 22.05 -4.19 3.48
C LYS A 95 21.46 -4.20 2.09
N GLU A 96 20.97 -5.37 1.66
CA GLU A 96 20.22 -5.53 0.41
C GLU A 96 19.01 -4.61 0.44
N GLN A 97 18.62 -4.07 -0.71
CA GLN A 97 17.43 -3.21 -0.77
C GLN A 97 16.47 -3.68 -1.83
N ASP A 98 15.21 -3.26 -1.72
CA ASP A 98 14.33 -3.28 -2.89
C ASP A 98 13.83 -1.85 -3.10
N LEU A 99 12.96 -1.62 -4.10
CA LEU A 99 12.48 -0.27 -4.34
C LEU A 99 11.81 0.33 -3.10
N ASN A 100 10.99 -0.48 -2.42
CA ASN A 100 10.32 -0.03 -1.21
C ASN A 100 11.25 0.35 -0.06
N THR A 101 12.25 -0.48 0.27
CA THR A 101 13.14 -0.12 1.40
C THR A 101 14.06 1.07 1.01
N ALA A 102 14.46 1.11 -0.25
CA ALA A 102 15.35 2.18 -0.70
C ALA A 102 14.68 3.50 -0.78
N MET A 103 13.38 3.52 -1.15
CA MET A 103 12.66 4.76 -1.16
C MET A 103 12.41 5.24 0.26
N GLN A 104 11.91 4.33 1.11
CA GLN A 104 11.54 4.62 2.49
C GLN A 104 12.74 5.16 3.30
N ASN A 105 13.89 4.52 3.11
CA ASN A 105 15.05 4.92 3.85
C ASN A 105 16.00 5.79 3.03
N SER A 106 15.56 6.25 1.86
CA SER A 106 16.31 7.21 1.01
C SER A 106 17.78 6.78 0.82
N VAL A 107 17.96 5.60 0.24
CA VAL A 107 19.25 4.95 0.20
C VAL A 107 19.90 5.39 -1.09
N ASN A 108 20.85 6.33 -1.00
CA ASN A 108 21.43 6.96 -2.20
C ASN A 108 22.03 5.98 -3.17
N TRP A 109 22.75 4.98 -2.67
CA TRP A 109 23.50 4.11 -3.58
C TRP A 109 22.64 3.30 -4.53
N TYR A 110 21.45 2.92 -4.06
CA TYR A 110 20.48 2.23 -4.89
C TYR A 110 20.09 3.05 -6.13
N PHE A 111 19.79 4.32 -5.93
CA PHE A 111 19.29 5.19 -6.99
C PHE A 111 20.47 5.68 -7.84
N GLU A 112 21.64 5.81 -7.22
CA GLU A 112 22.88 6.09 -7.95
C GLU A 112 23.20 4.96 -8.91
N ARG A 113 23.02 3.72 -8.47
CA ARG A 113 23.25 2.56 -9.34
C ARG A 113 22.26 2.53 -10.52
N ILE A 114 21.01 2.94 -10.28
CA ILE A 114 20.01 3.10 -11.35
C ILE A 114 20.42 4.16 -12.36
N SER A 115 20.77 5.34 -11.84
CA SER A 115 21.16 6.49 -12.67
C SER A 115 22.33 6.23 -13.59
N ASP A 116 23.31 5.49 -13.07
CA ASP A 116 24.53 5.13 -13.81
C ASP A 116 24.28 4.24 -15.04
N GLN A 117 23.18 3.51 -15.00
CA GLN A 117 22.75 2.66 -16.10
C GLN A 117 21.96 3.39 -17.16
N ILE A 118 21.54 4.62 -16.86
CA ILE A 118 20.65 5.36 -17.76
C ILE A 118 21.43 6.35 -18.59
N PRO A 119 21.42 6.16 -19.92
CA PRO A 119 22.09 7.02 -20.89
C PRO A 119 21.59 8.45 -20.82
N LYS A 120 22.52 9.38 -21.01
CA LYS A 120 22.21 10.79 -20.87
C LYS A 120 21.06 11.26 -21.75
N ASN A 121 21.05 10.81 -23.01
CA ASN A 121 20.00 11.20 -23.95
C ASN A 121 18.55 10.77 -23.59
N TYR A 122 18.43 9.69 -22.80
CA TYR A 122 17.14 9.22 -22.35
C TYR A 122 16.70 10.22 -21.32
N THR A 123 17.60 10.56 -20.39
CA THR A 123 17.24 11.48 -19.33
C THR A 123 16.85 12.84 -19.88
N ALA A 124 17.68 13.38 -20.77
CA ALA A 124 17.37 14.59 -21.53
C ALA A 124 15.97 14.56 -22.21
N THR A 125 15.67 13.48 -22.94
CA THR A 125 14.33 13.28 -23.55
C THR A 125 13.24 13.27 -22.51
N GLN A 126 13.45 12.55 -21.41
CA GLN A 126 12.47 12.53 -20.33
C GLN A 126 12.27 13.85 -19.65
N LEU A 127 13.35 14.58 -19.36
CA LEU A 127 13.20 15.85 -18.65
C LEU A 127 12.50 16.91 -19.51
N LYS A 128 12.70 16.79 -20.83
CA LYS A 128 12.00 17.63 -21.80
C LYS A 128 10.50 17.34 -21.84
N GLN A 129 10.12 16.06 -21.98
CA GLN A 129 8.71 15.64 -22.08
C GLN A 129 7.95 15.88 -20.78
N LEU A 130 8.64 15.73 -19.65
CA LEU A 130 8.07 15.99 -18.35
C LEU A 130 8.06 17.48 -17.95
N ASN A 131 8.86 18.31 -18.65
CA ASN A 131 9.09 19.73 -18.28
C ASN A 131 9.67 19.86 -16.90
N TYR A 132 10.69 19.07 -16.64
CA TYR A 132 11.26 18.99 -15.29
C TYR A 132 12.24 20.15 -15.07
N GLY A 133 11.74 21.21 -14.42
CA GLY A 133 12.55 22.34 -14.00
C GLY A 133 13.42 22.96 -15.07
N ASN A 134 14.70 23.15 -14.74
CA ASN A 134 15.61 23.75 -15.71
C ASN A 134 16.19 22.74 -16.69
N LYS A 135 15.85 21.47 -16.48
CA LYS A 135 16.29 20.34 -17.34
C LYS A 135 17.83 20.30 -17.51
N ASN A 136 18.57 20.79 -16.52
CA ASN A 136 20.01 21.00 -16.75
C ASN A 136 20.73 19.82 -16.12
N LEU A 137 21.29 18.97 -16.96
CA LEU A 137 21.98 17.80 -16.49
C LEU A 137 23.45 18.04 -16.08
N GLY A 138 24.01 19.18 -16.45
CA GLY A 138 25.43 19.50 -16.18
C GLY A 138 26.41 18.39 -16.54
N SER A 139 27.16 17.94 -15.53
CA SER A 139 28.17 16.87 -15.62
C SER A 139 27.63 15.44 -15.70
N TYR A 140 26.31 15.31 -15.56
CA TYR A 140 25.56 14.06 -15.55
C TYR A 140 26.13 13.06 -14.53
N LYS A 141 26.36 13.50 -13.30
CA LYS A 141 26.85 12.56 -12.29
C LYS A 141 25.79 12.37 -11.24
N SER A 142 25.98 13.03 -10.12
CA SER A 142 24.96 13.08 -9.10
C SER A 142 24.27 14.43 -9.32
N TYR A 143 23.75 14.62 -10.53
CA TYR A 143 23.26 15.93 -11.02
C TYR A 143 22.08 16.48 -10.23
N TRP A 144 21.36 15.60 -9.55
CA TRP A 144 20.22 15.96 -8.75
C TRP A 144 20.57 16.29 -7.32
N MET A 145 21.85 16.22 -6.94
CA MET A 145 22.25 16.52 -5.55
C MET A 145 23.08 17.78 -5.46
N GLU A 146 22.43 18.89 -5.08
CA GLU A 146 23.06 20.21 -4.95
C GLU A 146 23.96 20.56 -6.14
N ASP A 147 23.40 20.41 -7.33
CA ASP A 147 24.18 20.45 -8.56
C ASP A 147 23.42 21.29 -9.63
N SER A 148 23.42 20.87 -10.89
CA SER A 148 22.97 21.71 -12.00
C SER A 148 21.45 21.65 -12.17
N LEU A 149 20.87 20.50 -11.84
CA LEU A 149 19.45 20.26 -12.00
C LEU A 149 18.71 20.95 -10.92
N LYS A 150 17.78 21.83 -11.32
CA LYS A 150 16.96 22.58 -10.37
C LYS A 150 15.50 22.64 -10.83
N ILE A 151 14.61 22.66 -9.85
CA ILE A 151 13.14 22.65 -10.09
C ILE A 151 12.43 23.51 -9.02
N SER A 152 11.32 24.16 -9.38
CA SER A 152 10.63 24.97 -8.41
C SER A 152 9.58 24.18 -7.65
N ASN A 153 9.16 24.70 -6.50
CA ASN A 153 8.09 24.08 -5.69
C ASN A 153 6.81 23.96 -6.52
N LEU A 154 6.43 25.05 -7.20
CA LEU A 154 5.28 25.01 -8.14
C LEU A 154 5.45 23.88 -9.19
N GLU A 155 6.61 23.80 -9.85
CA GLU A 155 6.87 22.72 -10.81
C GLU A 155 6.88 21.31 -10.21
N GLN A 156 7.32 21.12 -8.98
CA GLN A 156 7.25 19.79 -8.39
C GLN A 156 5.80 19.23 -8.45
N VAL A 157 4.82 20.09 -8.18
CA VAL A 157 3.40 19.68 -8.28
C VAL A 157 2.93 19.43 -9.71
N ILE A 158 3.16 20.38 -10.61
CA ILE A 158 2.70 20.25 -11.99
C ILE A 158 3.30 19.02 -12.66
N VAL A 159 4.62 18.87 -12.50
CA VAL A 159 5.35 17.79 -13.18
C VAL A 159 4.95 16.40 -12.68
N PHE A 160 4.81 16.24 -11.37
CA PHE A 160 4.42 14.93 -10.77
C PHE A 160 2.95 14.63 -11.15
N LYS A 161 2.08 15.62 -11.06
CA LYS A 161 0.66 15.42 -11.47
C LYS A 161 0.60 15.00 -12.93
N ASN A 162 1.35 15.64 -13.81
CA ASN A 162 1.23 15.34 -15.22
C ASN A 162 1.80 13.98 -15.55
N MET A 163 2.88 13.62 -14.87
CA MET A 163 3.50 12.31 -15.07
C MET A 163 2.58 11.17 -14.68
N MET A 164 1.96 11.31 -13.51
CA MET A 164 1.06 10.29 -13.00
C MET A 164 -0.31 10.31 -13.68
N GLU A 165 -0.86 11.49 -13.96
CA GLU A 165 -2.26 11.56 -14.47
C GLU A 165 -2.46 11.56 -15.98
N GLN A 166 -1.44 11.84 -16.77
CA GLN A 166 -1.64 11.70 -18.21
C GLN A 166 -1.33 10.29 -18.71
N ASN A 167 -2.11 9.85 -19.69
CA ASN A 167 -1.81 8.63 -20.45
C ASN A 167 -0.59 8.90 -21.30
N ASN A 168 0.58 8.64 -20.75
CA ASN A 168 1.83 8.88 -21.43
C ASN A 168 2.56 7.58 -21.74
N HIS A 169 3.86 7.65 -21.96
CA HIS A 169 4.57 6.43 -22.29
C HIS A 169 4.96 5.60 -21.05
N PHE A 170 4.88 6.18 -19.84
CA PHE A 170 5.05 5.36 -18.63
C PHE A 170 3.83 4.45 -18.39
N SER A 171 4.11 3.18 -18.14
CA SER A 171 3.04 2.19 -18.01
C SER A 171 2.30 2.35 -16.69
N LYS A 172 1.07 1.82 -16.66
CA LYS A 172 0.25 1.81 -15.45
C LYS A 172 0.89 0.95 -14.36
N LYS A 173 1.54 -0.14 -14.72
CA LYS A 173 2.12 -1.01 -13.70
C LYS A 173 3.35 -0.35 -13.03
N ALA A 174 4.13 0.41 -13.82
CA ALA A 174 5.25 1.23 -13.27
C ALA A 174 4.75 2.32 -12.33
N LYS A 175 3.65 2.97 -12.70
CA LYS A 175 3.14 4.07 -11.88
C LYS A 175 2.64 3.52 -10.55
N ASN A 176 1.99 2.35 -10.61
CA ASN A 176 1.53 1.66 -9.40
C ASN A 176 2.67 1.12 -8.51
N GLN A 177 3.72 0.60 -9.13
CA GLN A 177 4.91 0.19 -8.35
C GLN A 177 5.60 1.38 -7.68
N LEU A 178 5.73 2.49 -8.39
CA LEU A 178 6.25 3.71 -7.75
C LEU A 178 5.36 4.18 -6.60
N SER A 179 4.03 4.25 -6.83
CA SER A 179 3.09 4.59 -5.75
C SER A 179 3.22 3.75 -4.52
N SER A 180 3.30 2.43 -4.70
CA SER A 180 3.47 1.52 -3.57
C SER A 180 4.71 1.87 -2.76
N SER A 181 5.81 2.21 -3.45
CA SER A 181 7.03 2.69 -2.78
C SER A 181 6.94 4.03 -2.06
N LEU A 182 5.98 4.87 -2.47
CA LEU A 182 5.79 6.19 -1.85
C LEU A 182 4.76 6.26 -0.73
N LEU A 183 3.95 5.20 -0.54
CA LEU A 183 2.91 5.24 0.49
C LEU A 183 3.49 5.39 1.87
N ILE A 184 2.94 6.36 2.60
CA ILE A 184 3.40 6.65 3.94
C ILE A 184 2.32 6.34 4.93
N LYS A 185 1.09 6.74 4.61
CA LYS A 185 0.01 6.54 5.57
C LYS A 185 -1.28 6.16 4.85
N LYS A 186 -2.03 5.21 5.39
CA LYS A 186 -3.35 4.87 4.87
C LYS A 186 -4.27 4.61 6.05
N ASN A 187 -5.43 5.27 6.04
CA ASN A 187 -6.48 4.93 6.99
C ASN A 187 -7.82 4.97 6.23
N GLU A 188 -8.93 4.93 6.98
CA GLU A 188 -10.32 5.04 6.47
C GLU A 188 -10.62 6.29 5.62
N LYS A 189 -9.91 7.38 5.92
CA LYS A 189 -10.10 8.69 5.28
C LYS A 189 -9.20 9.01 4.10
N TYR A 190 -7.91 8.68 4.22
CA TYR A 190 -6.96 9.02 3.19
C TYR A 190 -5.85 8.01 2.99
N GLU A 191 -5.17 8.12 1.84
CA GLU A 191 -3.89 7.52 1.60
C GLU A 191 -2.94 8.68 1.31
N LEU A 192 -1.78 8.69 1.95
CA LEU A 192 -0.79 9.75 1.79
C LEU A 192 0.51 9.14 1.29
N TYR A 193 1.02 9.73 0.21
CA TYR A 193 2.20 9.26 -0.50
C TYR A 193 3.16 10.42 -0.55
N GLY A 194 4.46 10.15 -0.50
CA GLY A 194 5.37 11.26 -0.70
C GLY A 194 6.80 10.91 -0.47
N LYS A 195 7.67 11.91 -0.55
CA LYS A 195 9.12 11.71 -0.52
C LYS A 195 9.82 12.99 -0.03
N THR A 196 10.66 12.83 0.98
CA THR A 196 11.42 13.94 1.51
C THR A 196 12.70 14.16 0.66
N GLY A 197 13.26 15.34 0.83
CA GLY A 197 14.54 15.65 0.25
C GLY A 197 15.20 16.66 1.15
N THR A 198 16.49 16.45 1.44
CA THR A 198 17.27 17.38 2.22
C THR A 198 18.62 17.61 1.55
N GLY A 199 18.97 18.86 1.33
CA GLY A 199 20.30 19.22 0.89
C GLY A 199 21.12 19.75 2.03
N ILE A 200 22.34 19.23 2.15
CA ILE A 200 23.26 19.64 3.20
C ILE A 200 24.53 20.26 2.57
N VAL A 201 24.80 21.50 2.92
CA VAL A 201 25.95 22.23 2.41
C VAL A 201 26.77 22.70 3.59
N ASN A 202 28.06 22.30 3.59
CA ASN A 202 29.03 22.56 4.66
C ASN A 202 28.50 22.32 6.06
N GLY A 203 27.87 21.16 6.25
CA GLY A 203 27.31 20.79 7.55
C GLY A 203 25.92 21.30 7.88
N LYS A 204 25.40 22.26 7.11
CA LYS A 204 24.12 22.87 7.45
C LYS A 204 23.04 22.40 6.47
N TYR A 205 21.80 22.23 6.96
CA TYR A 205 20.64 22.05 6.10
C TYR A 205 20.51 23.28 5.22
N ASN A 206 20.37 23.07 3.92
CA ASN A 206 20.30 24.16 2.95
C ASN A 206 18.94 24.27 2.27
N ASN A 207 18.21 23.15 2.25
CA ASN A 207 17.21 22.88 1.21
C ASN A 207 16.32 21.73 1.69
N GLY A 208 15.06 21.97 2.05
CA GLY A 208 14.19 20.83 2.46
C GLY A 208 12.97 20.67 1.57
N TRP A 209 12.52 19.45 1.33
CA TRP A 209 11.39 19.23 0.45
C TRP A 209 10.54 18.15 1.06
N PHE A 210 9.25 18.17 0.70
CA PHE A 210 8.38 17.03 0.82
C PHE A 210 7.37 17.14 -0.32
N VAL A 211 7.37 16.16 -1.20
CA VAL A 211 6.57 16.24 -2.43
C VAL A 211 5.71 14.96 -2.41
N GLY A 212 4.40 15.08 -2.69
CA GLY A 212 3.59 13.90 -2.73
C GLY A 212 2.18 14.08 -3.20
N TYR A 213 1.32 13.14 -2.80
CA TYR A 213 -0.09 13.26 -3.10
C TYR A 213 -0.95 12.56 -2.06
N VAL A 214 -2.23 12.94 -2.02
CA VAL A 214 -3.18 12.40 -1.09
C VAL A 214 -4.36 11.93 -1.91
N ILE A 215 -4.80 10.70 -1.66
CA ILE A 215 -6.04 10.21 -2.22
C ILE A 215 -7.05 10.12 -1.09
N THR A 216 -8.17 10.83 -1.21
CA THR A 216 -9.31 10.60 -0.28
C THR A 216 -10.45 9.95 -1.04
N ASN A 217 -11.58 9.77 -0.36
CA ASN A 217 -12.79 9.24 -1.02
C ASN A 217 -13.45 10.19 -2.00
N HIS A 218 -13.01 11.45 -2.02
CA HIS A 218 -13.64 12.52 -2.76
C HIS A 218 -12.76 13.09 -3.89
N ASP A 219 -11.43 13.05 -3.70
CA ASP A 219 -10.55 13.84 -4.55
C ASP A 219 -9.13 13.29 -4.45
N LYS A 220 -8.21 13.86 -5.23
CA LYS A 220 -6.84 13.45 -5.22
C LYS A 220 -6.11 14.76 -5.28
N TYR A 221 -5.11 14.92 -4.41
CA TYR A 221 -4.41 16.16 -4.30
C TYR A 221 -2.93 15.90 -4.45
N TYR A 222 -2.24 16.64 -5.31
CA TYR A 222 -0.75 16.59 -5.34
C TYR A 222 -0.28 17.81 -4.60
N PHE A 223 0.82 17.71 -3.88
CA PHE A 223 1.28 18.85 -3.12
C PHE A 223 2.82 18.88 -3.03
N ALA A 224 3.37 20.03 -2.65
CA ALA A 224 4.80 20.11 -2.35
C ALA A 224 5.10 21.28 -1.43
N THR A 225 5.92 21.01 -0.40
CA THR A 225 6.43 22.06 0.49
C THR A 225 7.92 22.19 0.20
N HIS A 226 8.42 23.42 0.07
CA HIS A 226 9.87 23.63 -0.03
C HIS A 226 10.28 24.51 1.12
N LEU A 227 11.40 24.17 1.79
CA LEU A 227 11.99 25.04 2.79
C LEU A 227 13.37 25.48 2.34
N SER A 228 13.56 26.79 2.28
CA SER A 228 14.84 27.39 1.87
C SER A 228 15.64 28.05 2.97
N ASP A 229 15.06 28.23 4.15
CA ASP A 229 15.75 28.87 5.29
C ASP A 229 15.06 28.53 6.60
N GLY A 230 15.77 28.73 7.72
CA GLY A 230 15.27 28.47 9.04
C GLY A 230 15.92 27.19 9.51
N LYS A 231 15.13 26.13 9.54
CA LYS A 231 15.68 24.79 9.67
C LYS A 231 15.21 23.99 8.48
N PRO A 232 15.78 24.25 7.29
CA PRO A 232 15.19 23.71 6.08
C PRO A 232 15.51 22.21 5.79
N SER A 233 14.95 21.31 6.60
CA SER A 233 15.12 19.88 6.39
C SER A 233 13.89 19.23 5.73
N GLY A 234 14.11 18.05 5.17
CA GLY A 234 13.04 17.21 4.62
C GLY A 234 12.01 16.81 5.68
N LYS A 235 12.50 16.49 6.88
CA LYS A 235 11.65 16.12 8.02
C LYS A 235 10.73 17.28 8.41
N ASN A 236 11.30 18.48 8.49
CA ASN A 236 10.54 19.70 8.73
C ASN A 236 9.53 20.06 7.63
N ALA A 237 9.92 19.86 6.38
CA ALA A 237 9.03 20.08 5.25
C ALA A 237 7.86 19.08 5.26
N GLU A 238 8.12 17.86 5.74
CA GLU A 238 7.07 16.86 5.93
C GLU A 238 6.06 17.22 7.03
N LEU A 239 6.56 17.71 8.16
CA LEU A 239 5.73 18.13 9.28
C LEU A 239 4.84 19.31 8.97
N ILE A 240 5.44 20.31 8.32
CA ILE A 240 4.72 21.50 7.88
C ILE A 240 3.65 21.12 6.84
N SER A 241 4.00 20.22 5.92
CA SER A 241 3.02 19.68 4.96
C SER A 241 1.80 19.05 5.63
N GLU A 242 2.05 18.21 6.63
CA GLU A 242 1.00 17.49 7.34
C GLU A 242 0.08 18.44 8.06
N LYS A 243 0.66 19.45 8.72
CA LYS A 243 -0.12 20.48 9.39
C LYS A 243 -0.99 21.32 8.46
N ILE A 244 -0.45 21.65 7.28
CA ILE A 244 -1.18 22.42 6.28
C ILE A 244 -2.31 21.60 5.67
N LEU A 245 -2.00 20.37 5.27
CA LEU A 245 -3.01 19.45 4.69
C LEU A 245 -4.20 19.20 5.65
N LYS A 246 -3.89 19.05 6.93
CA LYS A 246 -4.89 18.83 7.97
C LYS A 246 -5.79 20.06 8.13
N GLU A 247 -5.18 21.25 8.15
CA GLU A 247 -5.93 22.51 8.24
C GLU A 247 -6.87 22.70 7.08
N MET A 248 -6.41 22.30 5.91
CA MET A 248 -7.18 22.44 4.69
C MET A 248 -8.34 21.45 4.51
N GLY A 249 -8.37 20.38 5.30
CA GLY A 249 -9.46 19.43 5.23
C GLY A 249 -9.13 18.22 4.39
N VAL A 250 -7.89 18.16 3.92
CA VAL A 250 -7.42 17.10 3.04
C VAL A 250 -7.27 15.76 3.80
N LEU A 251 -6.99 15.80 5.10
CA LEU A 251 -6.70 14.57 5.85
C LEU A 251 -7.88 13.98 6.69
N ASN A 252 -9.11 14.25 6.25
CA ASN A 252 -10.35 13.65 6.82
C ASN A 252 -11.55 13.91 5.90
N GLN B 1 -19.68 -31.77 5.49
CA GLN B 1 -20.40 -32.83 4.74
C GLN B 1 -19.57 -34.14 4.60
N SER B 2 -19.11 -34.65 5.76
CA SER B 2 -18.54 -36.01 5.99
C SER B 2 -18.43 -36.18 7.52
N ILE B 3 -17.86 -37.27 8.03
CA ILE B 3 -17.89 -37.45 9.50
C ILE B 3 -16.96 -36.52 10.33
N THR B 4 -15.64 -36.74 10.33
CA THR B 4 -14.70 -35.81 11.03
C THR B 4 -14.31 -34.57 10.19
N ASP B 5 -15.22 -34.22 9.28
CA ASP B 5 -15.20 -33.05 8.42
C ASP B 5 -15.22 -31.76 9.24
N TYR B 6 -16.03 -31.73 10.30
CA TYR B 6 -16.33 -30.49 11.03
C TYR B 6 -15.23 -29.97 11.96
N ASN B 7 -14.14 -30.72 12.15
CA ASN B 7 -13.09 -30.29 13.06
C ASN B 7 -11.68 -30.48 12.53
N TYR B 8 -10.85 -29.51 12.84
CA TYR B 8 -9.45 -29.62 12.54
C TYR B 8 -8.73 -30.29 13.70
N LYS B 9 -8.13 -31.42 13.41
CA LYS B 9 -7.68 -32.27 14.50
C LYS B 9 -6.16 -32.36 14.68
N LYS B 10 -5.39 -31.88 13.69
CA LYS B 10 -3.91 -31.95 13.74
C LYS B 10 -3.35 -31.13 14.91
N PRO B 11 -2.51 -31.77 15.76
CA PRO B 11 -1.90 -31.10 16.92
C PRO B 11 -0.94 -29.98 16.51
N LEU B 12 -0.80 -29.00 17.38
CA LEU B 12 0.16 -27.94 17.17
C LEU B 12 1.49 -28.48 17.67
N HIS B 13 2.46 -28.59 16.79
CA HIS B 13 3.80 -28.90 17.25
C HIS B 13 4.70 -27.67 17.23
N ASN B 14 4.09 -26.58 17.67
CA ASN B 14 4.74 -25.30 17.88
C ASN B 14 4.57 -24.99 19.35
N ASP B 15 5.22 -23.92 19.83
CA ASP B 15 4.85 -23.27 21.07
C ASP B 15 3.48 -22.64 20.88
N TYR B 16 2.65 -22.75 21.91
CA TYR B 16 1.35 -22.08 21.88
C TYR B 16 1.00 -21.48 23.24
N GLN B 17 0.15 -20.48 23.22
CA GLN B 17 -0.21 -19.81 24.44
C GLN B 17 -1.71 -19.57 24.51
N ILE B 18 -2.33 -19.97 25.62
CA ILE B 18 -3.78 -19.81 25.78
C ILE B 18 -4.10 -18.41 26.33
N LEU B 19 -4.96 -17.70 25.63
CA LEU B 19 -5.38 -16.36 26.04
C LEU B 19 -6.77 -16.36 26.63
N ASP B 20 -7.05 -15.33 27.43
CA ASP B 20 -8.40 -15.04 27.87
C ASP B 20 -8.71 -13.65 27.36
N LYS B 21 -9.54 -13.59 26.32
CA LYS B 21 -10.00 -12.32 25.77
C LYS B 21 -11.52 -12.24 25.85
N SER B 22 -12.08 -12.85 26.89
CA SER B 22 -13.53 -12.92 27.06
C SER B 22 -14.17 -11.55 27.33
N LYS B 23 -13.47 -10.69 28.09
CA LYS B 23 -13.87 -9.27 28.29
C LYS B 23 -14.15 -8.55 26.96
N ILE B 24 -13.23 -8.70 26.00
CA ILE B 24 -13.36 -8.08 24.67
C ILE B 24 -14.48 -8.71 23.79
N PHE B 25 -14.60 -10.04 23.84
CA PHE B 25 -15.66 -10.75 23.11
C PHE B 25 -17.05 -10.38 23.61
N GLY B 26 -17.19 -10.25 24.93
CA GLY B 26 -18.41 -9.78 25.57
C GLY B 26 -19.59 -10.69 25.30
N SER B 27 -20.60 -10.12 24.65
CA SER B 27 -21.84 -10.85 24.34
C SER B 27 -21.68 -11.82 23.14
N ASN B 28 -20.55 -11.76 22.44
CA ASN B 28 -20.27 -12.62 21.29
C ASN B 28 -19.53 -13.90 21.64
N SER B 29 -19.73 -14.94 20.82
CA SER B 29 -19.02 -16.21 21.00
C SER B 29 -18.15 -16.45 19.78
N GLY B 30 -17.03 -17.14 19.98
CA GLY B 30 -16.08 -17.42 18.91
C GLY B 30 -14.67 -17.55 19.44
N SER B 31 -13.68 -17.25 18.60
CA SER B 31 -12.28 -17.51 18.90
C SER B 31 -11.38 -16.51 18.22
N PHE B 32 -10.12 -16.46 18.66
CA PHE B 32 -9.10 -15.60 18.09
C PHE B 32 -7.86 -16.46 18.01
N VAL B 33 -7.16 -16.40 16.88
CA VAL B 33 -5.90 -17.11 16.72
C VAL B 33 -4.82 -16.11 16.22
N MET B 34 -3.60 -16.15 16.75
CA MET B 34 -2.53 -15.32 16.17
C MET B 34 -1.27 -16.12 16.04
N TYR B 35 -0.50 -15.89 14.97
CA TYR B 35 0.81 -16.50 14.81
C TYR B 35 1.91 -15.41 14.67
N SER B 36 2.94 -15.50 15.50
CA SER B 36 4.08 -14.60 15.37
C SER B 36 5.19 -15.27 14.57
N MET B 37 5.59 -14.67 13.45
CA MET B 37 6.72 -15.17 12.64
C MET B 37 8.06 -15.36 13.41
N ALA B 38 8.44 -14.36 14.21
CA ALA B 38 9.77 -14.35 14.84
C ALA B 38 9.79 -15.31 16.03
N ALA B 39 8.61 -15.48 16.61
CA ALA B 39 8.46 -16.39 17.74
C ALA B 39 8.31 -17.81 17.30
N ASP B 40 7.72 -18.01 16.10
CA ASP B 40 7.19 -19.32 15.66
C ASP B 40 6.22 -19.85 16.74
N ALA B 41 5.27 -19.00 17.14
CA ALA B 41 4.39 -19.32 18.26
C ALA B 41 2.97 -18.90 17.97
N TYR B 42 2.02 -19.68 18.49
CA TYR B 42 0.60 -19.35 18.36
C TYR B 42 0.03 -18.79 19.65
N TYR B 43 -0.98 -17.95 19.51
CA TYR B 43 -1.64 -17.32 20.64
C TYR B 43 -3.13 -17.51 20.38
N ILE B 44 -3.82 -18.17 21.30
CA ILE B 44 -5.15 -18.70 20.99
C ILE B 44 -6.16 -18.45 22.11
N TYR B 45 -7.25 -17.76 21.78
CA TYR B 45 -8.39 -17.67 22.68
C TYR B 45 -9.42 -18.67 22.20
N ASN B 46 -9.89 -19.53 23.12
CA ASN B 46 -10.98 -20.51 22.87
C ASN B 46 -10.50 -21.54 21.88
N GLU B 47 -9.59 -22.40 22.33
CA GLU B 47 -8.89 -23.36 21.47
C GLU B 47 -9.77 -24.40 20.81
N LYS B 48 -10.73 -24.93 21.58
CA LYS B 48 -11.71 -25.90 21.08
C LYS B 48 -12.50 -25.28 19.93
N GLU B 49 -13.04 -24.10 20.21
CA GLU B 49 -13.82 -23.29 19.28
C GLU B 49 -13.02 -22.86 18.03
N SER B 50 -11.71 -22.67 18.19
CA SER B 50 -10.82 -22.39 17.06
C SER B 50 -10.65 -23.55 16.06
N ARG B 51 -11.04 -24.75 16.45
CA ARG B 51 -10.83 -25.95 15.65
C ARG B 51 -12.11 -26.40 14.93
N LYS B 52 -13.23 -25.77 15.28
CA LYS B 52 -14.55 -25.96 14.65
C LYS B 52 -14.53 -25.32 13.24
N ARG B 53 -14.88 -26.09 12.22
CA ARG B 53 -14.82 -25.58 10.86
C ARG B 53 -16.16 -24.91 10.47
N TYR B 54 -16.04 -23.71 9.86
CA TYR B 54 -17.17 -22.92 9.37
C TYR B 54 -16.92 -22.52 7.93
N SER B 55 -17.99 -22.14 7.24
CA SER B 55 -17.88 -21.59 5.90
C SER B 55 -17.02 -20.34 5.92
N PRO B 56 -16.07 -20.23 5.00
CA PRO B 56 -15.19 -19.06 4.98
C PRO B 56 -15.88 -17.75 4.49
N ASN B 57 -17.01 -17.90 3.79
CA ASN B 57 -17.66 -16.80 3.09
C ASN B 57 -16.66 -15.93 2.31
N SER B 58 -16.65 -14.62 2.56
CA SER B 58 -15.86 -13.68 1.73
C SER B 58 -14.39 -13.71 2.06
N THR B 59 -13.99 -14.44 3.11
CA THR B 59 -12.54 -14.62 3.36
C THR B 59 -11.90 -15.49 2.29
N TYR B 60 -12.71 -16.30 1.59
CA TYR B 60 -12.22 -17.12 0.48
C TYR B 60 -11.82 -16.34 -0.78
N LYS B 61 -12.32 -15.11 -0.89
CA LYS B 61 -11.87 -14.19 -1.97
C LYS B 61 -10.36 -13.88 -1.96
N ILE B 62 -9.70 -14.04 -0.81
CA ILE B 62 -8.20 -14.06 -0.71
C ILE B 62 -7.68 -15.07 -1.70
N TYR B 63 -8.24 -16.29 -1.63
CA TYR B 63 -7.75 -17.41 -2.42
C TYR B 63 -8.24 -17.33 -3.87
N LEU B 64 -9.49 -16.92 -4.11
CA LEU B 64 -9.98 -16.68 -5.48
C LEU B 64 -9.15 -15.61 -6.21
N ALA B 65 -8.75 -14.59 -5.47
CA ALA B 65 -7.82 -13.58 -6.00
C ALA B 65 -6.48 -14.21 -6.36
N MET B 66 -5.89 -14.95 -5.41
CA MET B 66 -4.63 -15.63 -5.69
C MET B 66 -4.70 -16.56 -6.88
N PHE B 67 -5.80 -17.30 -7.01
CA PHE B 67 -6.04 -18.23 -8.12
C PHE B 67 -6.24 -17.46 -9.44
N GLY B 68 -6.90 -16.30 -9.35
CA GLY B 68 -7.13 -15.42 -10.50
C GLY B 68 -5.81 -14.89 -11.05
N LEU B 69 -4.93 -14.49 -10.15
CA LEU B 69 -3.59 -14.00 -10.51
C LEU B 69 -2.70 -15.08 -11.06
N ASP B 70 -2.71 -16.24 -10.40
CA ASP B 70 -1.93 -17.41 -10.78
C ASP B 70 -2.29 -17.91 -12.17
N ARG B 71 -3.59 -17.92 -12.48
CA ARG B 71 -4.06 -18.41 -13.78
C ARG B 71 -4.14 -17.32 -14.85
N HIS B 72 -3.70 -16.10 -14.52
CA HIS B 72 -3.71 -14.93 -15.43
C HIS B 72 -5.10 -14.45 -15.87
N ILE B 73 -6.11 -14.71 -15.06
CA ILE B 73 -7.45 -14.16 -15.27
C ILE B 73 -7.41 -12.64 -15.06
N ILE B 74 -6.70 -12.22 -14.01
CA ILE B 74 -6.37 -10.83 -13.73
C ILE B 74 -4.84 -10.70 -13.62
N ASN B 75 -4.31 -9.48 -13.79
CA ASN B 75 -2.87 -9.22 -13.57
C ASN B 75 -2.50 -7.83 -13.03
N ASP B 76 -1.22 -7.49 -13.16
CA ASP B 76 -0.64 -6.22 -12.68
C ASP B 76 -1.01 -4.95 -13.48
N GLU B 77 -1.08 -5.04 -14.81
CA GLU B 77 -1.53 -3.85 -15.59
C GLU B 77 -3.07 -3.82 -15.67
N ASN B 78 -3.73 -4.99 -15.58
CA ASN B 78 -5.19 -5.07 -15.71
C ASN B 78 -5.86 -6.12 -14.83
N SER B 79 -6.57 -5.65 -13.80
CA SER B 79 -7.45 -6.50 -13.01
C SER B 79 -8.91 -5.99 -13.13
N ARG B 80 -9.17 -5.17 -14.14
CA ARG B 80 -10.48 -4.53 -14.27
C ARG B 80 -11.54 -5.43 -14.85
N MET B 81 -12.75 -5.33 -14.32
CA MET B 81 -13.92 -6.03 -14.84
C MET B 81 -15.11 -5.10 -14.88
N SER B 82 -15.83 -5.14 -15.99
CA SER B 82 -16.98 -4.27 -16.18
C SER B 82 -18.22 -4.84 -15.48
N TRP B 83 -19.11 -3.94 -15.07
CA TRP B 83 -20.35 -4.27 -14.39
C TRP B 83 -21.32 -4.74 -15.47
N ASN B 84 -22.12 -5.76 -15.19
CA ASN B 84 -23.07 -6.26 -16.20
C ASN B 84 -24.41 -5.55 -16.24
N HIS B 85 -24.54 -4.47 -15.45
CA HIS B 85 -25.70 -3.57 -15.37
C HIS B 85 -26.82 -4.10 -14.42
N LYS B 86 -26.55 -5.21 -13.74
CA LYS B 86 -27.46 -5.74 -12.72
C LYS B 86 -27.39 -4.90 -11.43
N HIS B 87 -28.55 -4.44 -10.99
CA HIS B 87 -28.60 -3.56 -9.82
C HIS B 87 -28.47 -4.29 -8.50
N TYR B 88 -27.46 -3.91 -7.72
CA TYR B 88 -27.29 -4.50 -6.39
C TYR B 88 -27.78 -3.51 -5.34
N PRO B 89 -28.13 -3.96 -4.12
CA PRO B 89 -28.55 -2.92 -3.17
C PRO B 89 -27.43 -2.04 -2.57
N PHE B 90 -26.16 -2.31 -2.91
CA PHE B 90 -25.03 -1.45 -2.53
C PHE B 90 -24.44 -0.75 -3.75
N ASP B 91 -24.34 0.58 -3.72
CA ASP B 91 -23.87 1.36 -4.90
C ASP B 91 -22.40 1.06 -5.29
N ALA B 92 -21.58 0.64 -4.31
CA ALA B 92 -20.17 0.25 -4.54
C ALA B 92 -20.01 -0.97 -5.43
N TRP B 93 -21.07 -1.78 -5.53
CA TRP B 93 -21.12 -2.94 -6.42
C TRP B 93 -21.60 -2.59 -7.83
N ASN B 94 -22.25 -1.43 -8.00
CA ASN B 94 -22.88 -1.05 -9.27
C ASN B 94 -21.97 -0.20 -10.13
N LYS B 95 -20.76 -0.71 -10.39
CA LYS B 95 -19.75 0.01 -11.18
C LYS B 95 -18.65 -0.96 -11.56
N GLU B 96 -17.80 -0.51 -12.48
CA GLU B 96 -16.55 -1.19 -12.82
C GLU B 96 -15.74 -1.46 -11.56
N GLN B 97 -15.10 -2.63 -11.52
CA GLN B 97 -14.17 -2.94 -10.42
C GLN B 97 -12.73 -3.24 -10.87
N ASP B 98 -11.78 -3.08 -9.97
CA ASP B 98 -10.47 -3.77 -10.08
C ASP B 98 -10.29 -4.64 -8.87
N LEU B 99 -9.14 -5.31 -8.74
CA LEU B 99 -8.95 -6.18 -7.58
C LEU B 99 -9.06 -5.39 -6.26
N ASN B 100 -8.46 -4.21 -6.22
CA ASN B 100 -8.45 -3.35 -5.01
C ASN B 100 -9.88 -2.92 -4.59
N THR B 101 -10.64 -2.31 -5.50
CA THR B 101 -12.03 -1.92 -5.17
C THR B 101 -12.92 -3.13 -4.82
N ALA B 102 -12.73 -4.24 -5.54
CA ALA B 102 -13.59 -5.42 -5.31
C ALA B 102 -13.31 -6.12 -4.02
N MET B 103 -12.02 -6.16 -3.63
CA MET B 103 -11.65 -6.69 -2.34
C MET B 103 -12.13 -5.78 -1.22
N GLN B 104 -11.89 -4.48 -1.36
CA GLN B 104 -12.26 -3.50 -0.31
C GLN B 104 -13.80 -3.50 -0.04
N ASN B 105 -14.55 -3.53 -1.12
CA ASN B 105 -16.02 -3.50 -0.94
C ASN B 105 -16.71 -4.87 -1.09
N SER B 106 -15.92 -5.94 -0.99
CA SER B 106 -16.38 -7.34 -1.03
C SER B 106 -17.41 -7.56 -2.13
N VAL B 107 -17.03 -7.27 -3.37
CA VAL B 107 -17.96 -7.33 -4.48
C VAL B 107 -18.03 -8.77 -4.98
N ASN B 108 -19.10 -9.48 -4.57
CA ASN B 108 -19.29 -10.89 -4.90
C ASN B 108 -19.14 -11.24 -6.35
N TRP B 109 -19.76 -10.46 -7.26
CA TRP B 109 -19.78 -10.82 -8.67
C TRP B 109 -18.40 -10.85 -9.31
N TYR B 110 -17.51 -9.99 -8.83
CA TYR B 110 -16.13 -9.91 -9.35
C TYR B 110 -15.45 -11.24 -9.09
N PHE B 111 -15.52 -11.69 -7.87
CA PHE B 111 -14.96 -12.99 -7.46
C PHE B 111 -15.70 -14.24 -8.01
N GLU B 112 -17.03 -14.14 -8.22
CA GLU B 112 -17.80 -15.19 -8.91
C GLU B 112 -17.40 -15.35 -10.38
N ARG B 113 -17.22 -14.24 -11.08
CA ARG B 113 -16.68 -14.25 -12.44
C ARG B 113 -15.31 -14.91 -12.54
N ILE B 114 -14.47 -14.70 -11.52
CA ILE B 114 -13.15 -15.34 -11.46
C ILE B 114 -13.32 -16.84 -11.29
N SER B 115 -14.08 -17.21 -10.26
CA SER B 115 -14.42 -18.59 -9.92
C SER B 115 -15.04 -19.36 -11.08
N ASP B 116 -15.90 -18.71 -11.86
CA ASP B 116 -16.46 -19.28 -13.10
C ASP B 116 -15.44 -19.65 -14.19
N GLN B 117 -14.26 -19.05 -14.18
CA GLN B 117 -13.23 -19.37 -15.19
C GLN B 117 -12.18 -20.37 -14.69
N ILE B 118 -12.39 -20.93 -13.50
CA ILE B 118 -11.43 -21.84 -12.88
C ILE B 118 -11.97 -23.29 -12.84
N PRO B 119 -11.30 -24.22 -13.56
CA PRO B 119 -11.61 -25.66 -13.52
C PRO B 119 -11.56 -26.25 -12.12
N LYS B 120 -12.36 -27.28 -11.91
CA LYS B 120 -12.50 -27.91 -10.60
C LYS B 120 -11.20 -28.60 -10.15
N ASN B 121 -10.52 -29.26 -11.09
CA ASN B 121 -9.29 -29.98 -10.81
C ASN B 121 -8.14 -29.09 -10.29
N TYR B 122 -7.97 -27.91 -10.91
CA TYR B 122 -7.06 -26.88 -10.40
C TYR B 122 -7.42 -26.51 -8.98
N THR B 123 -8.70 -26.16 -8.72
CA THR B 123 -9.15 -25.77 -7.36
C THR B 123 -8.92 -26.90 -6.36
N ALA B 124 -9.26 -28.13 -6.76
CA ALA B 124 -9.03 -29.33 -5.93
C ALA B 124 -7.55 -29.55 -5.59
N THR B 125 -6.68 -29.45 -6.60
CA THR B 125 -5.23 -29.52 -6.41
C THR B 125 -4.76 -28.43 -5.45
N GLN B 126 -5.23 -27.19 -5.67
CA GLN B 126 -4.84 -26.08 -4.82
C GLN B 126 -5.24 -26.20 -3.36
N LEU B 127 -6.46 -26.65 -3.10
CA LEU B 127 -6.92 -26.81 -1.72
C LEU B 127 -6.22 -27.97 -0.98
N LYS B 128 -5.87 -29.02 -1.73
CA LYS B 128 -5.00 -30.10 -1.23
C LYS B 128 -3.63 -29.58 -0.78
N GLN B 129 -2.97 -28.79 -1.63
CA GLN B 129 -1.63 -28.26 -1.33
C GLN B 129 -1.65 -27.23 -0.21
N LEU B 130 -2.75 -26.48 -0.09
CA LEU B 130 -2.85 -25.45 0.90
C LEU B 130 -3.32 -26.00 2.24
N ASN B 131 -3.80 -27.25 2.23
CA ASN B 131 -4.54 -27.91 3.34
C ASN B 131 -5.74 -27.08 3.76
N TYR B 132 -6.57 -26.72 2.78
CA TYR B 132 -7.66 -25.76 3.04
C TYR B 132 -8.86 -26.48 3.68
N GLY B 133 -8.93 -26.42 5.01
CA GLY B 133 -10.09 -26.89 5.76
C GLY B 133 -10.53 -28.29 5.43
N ASN B 134 -11.82 -28.43 5.10
CA ASN B 134 -12.34 -29.73 4.69
C ASN B 134 -12.11 -30.09 3.22
N LYS B 135 -11.59 -29.14 2.43
CA LYS B 135 -11.32 -29.30 0.99
C LYS B 135 -12.54 -29.73 0.15
N ASN B 136 -13.74 -29.40 0.64
CA ASN B 136 -14.94 -30.00 0.07
C ASN B 136 -15.58 -29.01 -0.90
N LEU B 137 -15.52 -29.35 -2.18
CA LEU B 137 -15.96 -28.46 -3.24
C LEU B 137 -17.45 -28.56 -3.55
N GLY B 138 -18.11 -29.65 -3.15
CA GLY B 138 -19.56 -29.82 -3.31
C GLY B 138 -20.01 -29.80 -4.75
N SER B 139 -20.99 -28.94 -5.05
CA SER B 139 -21.48 -28.67 -6.42
C SER B 139 -20.47 -27.95 -7.31
N TYR B 140 -19.45 -27.34 -6.67
CA TYR B 140 -18.49 -26.45 -7.32
C TYR B 140 -19.22 -25.28 -7.98
N LYS B 141 -20.00 -24.58 -7.15
CA LYS B 141 -20.79 -23.43 -7.59
C LYS B 141 -20.39 -22.22 -6.74
N SER B 142 -21.24 -21.87 -5.78
CA SER B 142 -20.87 -20.83 -4.84
C SER B 142 -20.45 -21.52 -3.52
N TYR B 143 -19.45 -22.40 -3.62
CA TYR B 143 -19.11 -23.44 -2.60
C TYR B 143 -18.54 -22.86 -1.31
N TRP B 144 -18.05 -21.64 -1.44
CA TRP B 144 -17.46 -20.92 -0.34
C TRP B 144 -18.47 -20.09 0.43
N MET B 145 -19.73 -20.06 -0.01
CA MET B 145 -20.75 -19.23 0.62
C MET B 145 -21.82 -20.07 1.31
N GLU B 146 -21.66 -20.26 2.62
CA GLU B 146 -22.55 -21.11 3.44
C GLU B 146 -22.90 -22.42 2.75
N ASP B 147 -21.87 -23.14 2.32
CA ASP B 147 -22.05 -24.30 1.45
C ASP B 147 -21.12 -25.42 1.96
N SER B 148 -20.58 -26.23 1.04
CA SER B 148 -19.88 -27.45 1.37
C SER B 148 -18.51 -27.17 2.01
N LEU B 149 -17.85 -26.10 1.57
CA LEU B 149 -16.48 -25.81 1.99
C LEU B 149 -16.41 -25.14 3.35
N LYS B 150 -15.61 -25.73 4.25
CA LYS B 150 -15.49 -25.27 5.63
C LYS B 150 -14.04 -25.24 6.06
N ILE B 151 -13.71 -24.31 6.97
CA ILE B 151 -12.36 -24.13 7.45
C ILE B 151 -12.46 -23.59 8.88
N SER B 152 -11.54 -24.01 9.74
CA SER B 152 -11.50 -23.48 11.09
C SER B 152 -10.67 -22.22 11.22
N ASN B 153 -10.87 -21.52 12.33
CA ASN B 153 -10.17 -20.29 12.65
C ASN B 153 -8.67 -20.52 12.77
N LEU B 154 -8.30 -21.63 13.42
CA LEU B 154 -6.90 -22.06 13.53
C LEU B 154 -6.32 -22.30 12.15
N GLU B 155 -7.06 -22.98 11.30
CA GLU B 155 -6.58 -23.24 9.95
C GLU B 155 -6.50 -21.98 9.10
N GLN B 156 -7.40 -21.01 9.31
CA GLN B 156 -7.35 -19.76 8.54
C GLN B 156 -5.95 -19.16 8.67
N VAL B 157 -5.43 -19.11 9.90
CA VAL B 157 -4.10 -18.61 10.19
C VAL B 157 -3.02 -19.48 9.61
N ILE B 158 -3.10 -20.80 9.83
CA ILE B 158 -2.09 -21.72 9.33
C ILE B 158 -1.98 -21.62 7.81
N VAL B 159 -3.12 -21.69 7.11
CA VAL B 159 -3.15 -21.76 5.64
C VAL B 159 -2.61 -20.47 4.98
N PHE B 160 -3.03 -19.33 5.52
CA PHE B 160 -2.69 -18.03 4.98
C PHE B 160 -1.21 -17.79 5.18
N LYS B 161 -0.72 -18.04 6.41
CA LYS B 161 0.72 -17.90 6.73
C LYS B 161 1.53 -18.79 5.82
N ASN B 162 1.10 -20.04 5.65
CA ASN B 162 1.79 -20.97 4.79
C ASN B 162 1.76 -20.64 3.29
N MET B 163 0.65 -20.05 2.80
CA MET B 163 0.56 -19.65 1.40
C MET B 163 1.49 -18.48 1.08
N MET B 164 1.52 -17.51 1.98
CA MET B 164 2.29 -16.29 1.76
C MET B 164 3.79 -16.43 2.03
N GLU B 165 4.15 -17.16 3.09
CA GLU B 165 5.54 -17.26 3.57
C GLU B 165 6.33 -18.43 3.03
N GLN B 166 5.67 -19.43 2.46
CA GLN B 166 6.47 -20.50 1.88
C GLN B 166 6.82 -20.30 0.40
N ASN B 167 7.96 -20.86 0.01
CA ASN B 167 8.43 -20.80 -1.38
C ASN B 167 7.64 -21.78 -2.21
N ASN B 168 6.48 -21.34 -2.71
CA ASN B 168 5.64 -22.25 -3.44
C ASN B 168 5.54 -21.88 -4.92
N HIS B 169 4.49 -22.34 -5.58
CA HIS B 169 4.33 -22.06 -7.00
C HIS B 169 3.56 -20.76 -7.26
N PHE B 170 3.21 -20.07 -6.17
CA PHE B 170 2.64 -18.74 -6.26
C PHE B 170 3.77 -17.73 -6.30
N SER B 171 3.77 -16.93 -7.37
CA SER B 171 4.80 -15.94 -7.64
C SER B 171 4.75 -14.78 -6.63
N LYS B 172 5.89 -14.12 -6.47
CA LYS B 172 6.05 -12.99 -5.56
C LYS B 172 5.21 -11.78 -5.96
N LYS B 173 5.07 -11.50 -7.25
CA LYS B 173 4.25 -10.36 -7.70
C LYS B 173 2.74 -10.60 -7.54
N ALA B 174 2.31 -11.86 -7.53
CA ALA B 174 0.90 -12.22 -7.23
C ALA B 174 0.61 -12.01 -5.76
N LYS B 175 1.49 -12.51 -4.90
CA LYS B 175 1.43 -12.26 -3.45
C LYS B 175 1.40 -10.76 -3.13
N ASN B 176 2.24 -9.98 -3.81
CA ASN B 176 2.31 -8.53 -3.56
C ASN B 176 1.07 -7.80 -4.03
N GLN B 177 0.51 -8.24 -5.15
CA GLN B 177 -0.73 -7.62 -5.65
C GLN B 177 -1.92 -7.95 -4.73
N LEU B 178 -2.01 -9.20 -4.28
CA LEU B 178 -2.99 -9.61 -3.26
C LEU B 178 -2.79 -8.81 -1.97
N SER B 179 -1.55 -8.70 -1.51
CA SER B 179 -1.22 -7.84 -0.38
C SER B 179 -1.72 -6.41 -0.49
N SER B 180 -1.44 -5.74 -1.62
CA SER B 180 -1.93 -4.38 -1.85
C SER B 180 -3.46 -4.31 -1.78
N SER B 181 -4.14 -5.33 -2.28
CA SER B 181 -5.63 -5.39 -2.20
C SER B 181 -6.19 -5.54 -0.79
N LEU B 182 -5.37 -6.11 0.11
CA LEU B 182 -5.76 -6.35 1.50
C LEU B 182 -5.34 -5.31 2.50
N LEU B 183 -4.56 -4.31 2.11
CA LEU B 183 -4.06 -3.35 3.07
C LEU B 183 -5.19 -2.46 3.57
N ILE B 184 -5.29 -2.32 4.88
CA ILE B 184 -6.36 -1.53 5.47
C ILE B 184 -5.79 -0.32 6.13
N LYS B 185 -4.69 -0.49 6.84
CA LYS B 185 -4.09 0.62 7.57
C LYS B 185 -2.56 0.61 7.45
N LYS B 186 -1.94 1.77 7.26
CA LYS B 186 -0.50 1.91 7.41
C LYS B 186 -0.23 3.17 8.17
N ASN B 187 0.57 3.07 9.22
CA ASN B 187 1.21 4.24 9.82
C ASN B 187 2.70 3.96 10.10
N GLU B 188 3.28 4.79 10.95
CA GLU B 188 4.69 4.67 11.33
C GLU B 188 4.97 3.39 12.14
N LYS B 189 3.96 2.87 12.82
CA LYS B 189 4.17 1.71 13.69
C LYS B 189 3.87 0.37 13.01
N TYR B 190 2.85 0.36 12.14
CA TYR B 190 2.39 -0.90 11.58
C TYR B 190 1.74 -0.79 10.20
N GLU B 191 1.64 -1.92 9.51
CA GLU B 191 0.74 -2.07 8.37
C GLU B 191 -0.23 -3.17 8.77
N LEU B 192 -1.55 -2.92 8.62
CA LEU B 192 -2.61 -3.91 8.89
C LEU B 192 -3.27 -4.33 7.59
N TYR B 193 -3.36 -5.64 7.37
CA TYR B 193 -3.91 -6.22 6.19
C TYR B 193 -5.01 -7.17 6.65
N GLY B 194 -6.05 -7.34 5.83
CA GLY B 194 -7.14 -8.20 6.25
C GLY B 194 -8.37 -8.18 5.36
N LYS B 195 -9.25 -9.17 5.58
CA LYS B 195 -10.47 -9.36 4.84
C LYS B 195 -11.58 -9.92 5.74
N THR B 196 -12.74 -9.25 5.70
CA THR B 196 -13.94 -9.67 6.44
C THR B 196 -14.71 -10.76 5.72
N GLY B 197 -15.52 -11.49 6.50
CA GLY B 197 -16.46 -12.45 5.97
C GLY B 197 -17.72 -12.42 6.81
N THR B 198 -18.88 -12.39 6.16
CA THR B 198 -20.15 -12.44 6.85
C THR B 198 -21.08 -13.44 6.17
N GLY B 199 -21.64 -14.35 6.96
CA GLY B 199 -22.70 -15.20 6.48
C GLY B 199 -24.02 -14.74 7.06
N ILE B 200 -25.01 -14.66 6.19
CA ILE B 200 -26.37 -14.35 6.55
C ILE B 200 -27.23 -15.58 6.26
N VAL B 201 -28.02 -15.99 7.25
CA VAL B 201 -28.93 -17.13 7.12
C VAL B 201 -30.26 -16.64 7.63
N ASN B 202 -31.25 -16.66 6.75
CA ASN B 202 -32.58 -16.10 7.04
C ASN B 202 -32.63 -14.69 7.62
N GLY B 203 -31.84 -13.79 7.04
CA GLY B 203 -31.79 -12.40 7.51
C GLY B 203 -30.96 -12.15 8.76
N LYS B 204 -30.45 -13.20 9.40
CA LYS B 204 -29.69 -13.03 10.63
C LYS B 204 -28.21 -13.28 10.34
N TYR B 205 -27.34 -12.50 10.98
CA TYR B 205 -25.93 -12.82 11.03
C TYR B 205 -25.71 -14.17 11.69
N ASN B 206 -24.91 -15.00 11.02
CA ASN B 206 -24.73 -16.39 11.36
C ASN B 206 -23.26 -16.73 11.65
N ASN B 207 -22.34 -16.02 10.97
CA ASN B 207 -20.97 -16.47 10.83
C ASN B 207 -20.14 -15.26 10.46
N GLY B 208 -19.27 -14.79 11.37
CA GLY B 208 -18.44 -13.59 11.07
C GLY B 208 -16.93 -13.85 11.14
N TRP B 209 -16.17 -13.28 10.21
CA TRP B 209 -14.72 -13.50 10.16
C TRP B 209 -13.97 -12.19 9.98
N PHE B 210 -12.74 -12.13 10.51
CA PHE B 210 -11.75 -11.17 10.01
C PHE B 210 -10.40 -11.88 10.00
N VAL B 211 -9.82 -12.05 8.82
CA VAL B 211 -8.60 -12.83 8.67
C VAL B 211 -7.56 -11.86 8.15
N GLY B 212 -6.35 -11.86 8.69
CA GLY B 212 -5.34 -11.04 8.03
C GLY B 212 -3.97 -11.12 8.62
N TYR B 213 -3.21 -10.04 8.45
CA TYR B 213 -1.88 -10.00 9.00
C TYR B 213 -1.44 -8.59 9.33
N VAL B 214 -0.50 -8.45 10.25
CA VAL B 214 0.04 -7.16 10.64
C VAL B 214 1.56 -7.24 10.44
N ILE B 215 2.16 -6.20 9.81
CA ILE B 215 3.60 -6.06 9.80
C ILE B 215 4.00 -4.92 10.71
N THR B 216 4.90 -5.18 11.66
CA THR B 216 5.46 -4.10 12.45
C THR B 216 6.93 -3.89 12.09
N ASN B 217 7.63 -3.05 12.85
CA ASN B 217 9.07 -2.83 12.68
C ASN B 217 9.87 -4.01 13.22
N HIS B 218 9.21 -4.87 14.00
CA HIS B 218 9.86 -5.95 14.74
C HIS B 218 9.46 -7.36 14.35
N ASP B 219 8.24 -7.54 13.84
CA ASP B 219 7.68 -8.87 13.60
C ASP B 219 6.56 -8.79 12.56
N LYS B 220 6.16 -9.95 12.06
CA LYS B 220 4.97 -10.06 11.23
C LYS B 220 4.02 -11.02 11.96
N TYR B 221 2.72 -10.69 12.00
CA TYR B 221 1.76 -11.51 12.74
C TYR B 221 0.59 -11.89 11.86
N TYR B 222 0.28 -13.18 11.73
CA TYR B 222 -0.95 -13.57 11.05
C TYR B 222 -2.01 -13.77 12.08
N PHE B 223 -3.25 -13.47 11.77
CA PHE B 223 -4.29 -13.62 12.76
C PHE B 223 -5.62 -13.87 12.12
N ALA B 224 -6.55 -14.36 12.93
CA ALA B 224 -7.96 -14.46 12.51
C ALA B 224 -8.90 -14.50 13.70
N THR B 225 -10.03 -13.82 13.56
CA THR B 225 -11.12 -13.90 14.52
C THR B 225 -12.33 -14.54 13.85
N HIS B 226 -12.91 -15.53 14.52
CA HIS B 226 -14.21 -16.04 14.10
C HIS B 226 -15.28 -15.72 15.17
N LEU B 227 -16.47 -15.32 14.71
CA LEU B 227 -17.62 -15.20 15.60
C LEU B 227 -18.74 -16.16 15.18
N SER B 228 -19.22 -16.98 16.11
CA SER B 228 -20.29 -17.96 15.82
C SER B 228 -21.66 -17.59 16.43
N ASP B 229 -21.67 -16.69 17.40
CA ASP B 229 -22.92 -16.34 18.10
C ASP B 229 -22.86 -14.93 18.69
N GLY B 230 -24.02 -14.30 18.90
CA GLY B 230 -24.13 -12.96 19.49
C GLY B 230 -24.50 -11.96 18.40
N LYS B 231 -23.50 -11.23 17.91
CA LYS B 231 -23.62 -10.44 16.67
C LYS B 231 -22.48 -10.89 15.74
N PRO B 232 -22.64 -12.06 15.08
CA PRO B 232 -21.51 -12.62 14.34
C PRO B 232 -21.37 -12.06 12.94
N SER B 233 -21.01 -10.78 12.83
CA SER B 233 -20.74 -10.17 11.54
C SER B 233 -19.22 -9.99 11.36
N GLY B 234 -18.79 -9.87 10.11
CA GLY B 234 -17.40 -9.52 9.76
C GLY B 234 -16.95 -8.19 10.30
N LYS B 235 -17.87 -7.23 10.39
CA LYS B 235 -17.57 -5.87 10.91
C LYS B 235 -17.24 -5.98 12.40
N ASN B 236 -18.04 -6.77 13.11
CA ASN B 236 -17.77 -7.05 14.51
C ASN B 236 -16.54 -7.90 14.73
N ALA B 237 -16.29 -8.86 13.86
CA ALA B 237 -15.09 -9.68 13.96
C ALA B 237 -13.83 -8.83 13.74
N GLU B 238 -13.95 -7.85 12.84
CA GLU B 238 -12.87 -6.89 12.61
C GLU B 238 -12.60 -6.02 13.82
N LEU B 239 -13.65 -5.45 14.40
CA LEU B 239 -13.52 -4.59 15.59
C LEU B 239 -12.88 -5.29 16.78
N ILE B 240 -13.33 -6.52 17.02
CA ILE B 240 -12.78 -7.38 18.06
C ILE B 240 -11.28 -7.66 17.84
N SER B 241 -10.90 -7.98 16.59
CA SER B 241 -9.52 -8.23 16.21
C SER B 241 -8.66 -7.03 16.58
N GLU B 242 -9.11 -5.84 16.20
CA GLU B 242 -8.43 -4.57 16.49
C GLU B 242 -8.23 -4.35 17.98
N LYS B 243 -9.28 -4.58 18.76
CA LYS B 243 -9.23 -4.48 20.23
C LYS B 243 -8.21 -5.46 20.86
N ILE B 244 -8.19 -6.70 20.37
CA ILE B 244 -7.26 -7.71 20.84
C ILE B 244 -5.81 -7.36 20.50
N LEU B 245 -5.59 -7.03 19.22
CA LEU B 245 -4.25 -6.68 18.72
C LEU B 245 -3.67 -5.48 19.45
N LYS B 246 -4.52 -4.51 19.77
CA LYS B 246 -4.13 -3.36 20.54
C LYS B 246 -3.79 -3.70 21.98
N GLU B 247 -4.64 -4.52 22.63
CA GLU B 247 -4.42 -4.99 24.01
C GLU B 247 -3.13 -5.80 24.13
N MET B 248 -2.85 -6.60 23.10
CA MET B 248 -1.66 -7.45 23.08
C MET B 248 -0.37 -6.71 22.72
N GLY B 249 -0.50 -5.45 22.30
CA GLY B 249 0.63 -4.58 21.98
C GLY B 249 1.14 -4.71 20.56
N VAL B 250 0.41 -5.41 19.72
CA VAL B 250 0.80 -5.61 18.29
C VAL B 250 0.76 -4.27 17.51
N LEU B 251 -0.12 -3.36 17.91
CA LEU B 251 -0.28 -2.09 17.22
C LEU B 251 0.42 -0.85 17.87
N ASN B 252 1.53 -1.06 18.61
CA ASN B 252 2.39 0.05 19.08
C ASN B 252 3.94 -0.09 18.92
#